data_8PAN
#
_entry.id   8PAN
#
_cell.length_a   39.381
_cell.length_b   67.896
_cell.length_c   40.242
_cell.angle_alpha   90.000
_cell.angle_beta   93.480
_cell.angle_gamma   90.000
#
_symmetry.space_group_name_H-M   'P 1 21 1'
#
loop_
_entity.id
_entity.type
_entity.pdbx_description
1 polymer 'Beta-lactamase VIM-1'
2 non-polymer 'ZINC ION'
3 non-polymer '7-[(1~{S})-1-[4-(aminomethyl)phenoxy]ethyl]-3-[3-fluoranyl-4-(methylsulfonylmethyl)phenyl]-1~{H}-indole-2-carboxylic acid'
4 water water
#
_entity_poly.entity_id   1
_entity_poly.type   'polypeptide(L)'
_entity_poly.pdbx_seq_one_letter_code
;MLKVISSLLVYMTASVMAVASPLAHSGEPSGEYPTVNEIPVGEVRLYQIADGVWSHIATQSFDGAVYPSNGLIVRDGDEL
LLIDTAWGAKNTAALLAEIEKQIGLPVTRAVSTHFHDDRVGGVDVLRAAGVATYASPSTRRLAEAEGNEIPTHSLEGLSS
SGDAVRFGPVELFYPGAAHSTDNLVVYVPSANVLYGGCAVHELSSTSAGNVADADLAEWPTSVERIQKHYPEAEVVIPGH
GLPGGLDLLQHTANVVKAHKNRSVAE
;
_entity_poly.pdbx_strand_id   A
#
loop_
_chem_comp.id
_chem_comp.type
_chem_comp.name
_chem_comp.formula
XZL non-polymer '7-[(1~{S})-1-[4-(aminomethyl)phenoxy]ethyl]-3-[3-fluoranyl-4-(methylsulfonylmethyl)phenyl]-1~{H}-indole-2-carboxylic acid' 'C26 H25 F N2 O5 S'
ZN non-polymer 'ZINC ION' 'Zn 2'
#
# COMPACT_ATOMS: atom_id res chain seq x y z
N GLY A 31 18.54 -10.77 3.09
CA GLY A 31 18.61 -9.33 3.32
C GLY A 31 18.28 -8.40 2.16
N GLU A 32 18.28 -8.93 0.94
CA GLU A 32 17.83 -8.16 -0.22
C GLU A 32 16.30 -8.00 -0.19
N TYR A 33 15.78 -7.01 -0.93
CA TYR A 33 14.34 -6.82 -0.92
C TYR A 33 13.69 -8.02 -1.61
N PRO A 34 12.69 -8.67 -0.97
CA PRO A 34 12.13 -9.91 -1.52
C PRO A 34 11.36 -9.67 -2.81
N THR A 35 11.45 -10.66 -3.69
CA THR A 35 10.73 -10.68 -4.95
C THR A 35 9.96 -12.00 -5.03
N VAL A 36 9.16 -12.15 -6.09
N VAL A 36 9.13 -12.16 -6.04
CA VAL A 36 8.36 -13.36 -6.30
CA VAL A 36 8.37 -13.41 -6.14
C VAL A 36 9.23 -14.60 -6.39
C VAL A 36 9.27 -14.64 -6.01
N ASN A 37 10.47 -14.45 -6.81
N ASN A 37 10.53 -14.53 -6.42
CA ASN A 37 11.34 -15.63 -6.95
CA ASN A 37 11.36 -15.73 -6.50
C ASN A 37 11.72 -16.17 -5.59
C ASN A 37 11.97 -16.11 -5.16
N GLU A 38 11.51 -15.39 -4.55
N GLU A 38 11.80 -15.30 -4.12
CA GLU A 38 11.63 -15.82 -3.18
CA GLU A 38 12.34 -15.60 -2.80
C GLU A 38 10.29 -15.88 -2.49
C GLU A 38 11.26 -15.69 -1.72
N ILE A 39 9.19 -15.53 -3.19
N ILE A 39 10.00 -15.72 -2.11
CA ILE A 39 7.89 -15.59 -2.56
CA ILE A 39 8.88 -15.92 -1.20
C ILE A 39 6.91 -16.42 -3.35
C ILE A 39 8.30 -17.31 -1.49
N PRO A 40 6.74 -17.68 -2.97
N PRO A 40 8.39 -18.26 -0.57
CA PRO A 40 5.61 -18.44 -3.48
CA PRO A 40 7.79 -19.58 -0.84
C PRO A 40 4.32 -17.79 -3.07
C PRO A 40 6.28 -19.48 -1.01
N VAL A 41 3.31 -17.91 -3.93
N VAL A 41 5.74 -20.49 -1.69
CA VAL A 41 2.01 -17.38 -3.54
CA VAL A 41 4.34 -20.45 -2.11
C VAL A 41 1.55 -18.13 -2.28
C VAL A 41 3.45 -20.25 -0.90
N GLY A 42 1.17 -17.37 -1.25
N GLY A 42 2.56 -19.25 -0.99
CA GLY A 42 0.74 -17.92 0.03
CA GLY A 42 1.60 -18.97 0.04
C GLY A 42 1.67 -17.64 1.21
C GLY A 42 2.15 -18.26 1.25
N GLU A 43 2.94 -17.35 0.99
N GLU A 43 3.35 -17.69 1.16
CA GLU A 43 3.81 -16.97 2.09
CA GLU A 43 4.03 -17.10 2.30
C GLU A 43 4.07 -15.47 2.06
C GLU A 43 4.16 -15.59 2.10
N VAL A 44 4.56 -14.94 3.18
CA VAL A 44 4.75 -13.51 3.28
C VAL A 44 6.13 -13.26 3.86
N ARG A 45 6.81 -12.24 3.37
CA ARG A 45 8.07 -11.82 3.95
C ARG A 45 7.95 -10.38 4.43
N LEU A 46 8.73 -10.07 5.48
CA LEU A 46 8.82 -8.73 6.00
C LEU A 46 10.21 -8.20 5.68
N TYR A 47 10.32 -6.89 5.56
CA TYR A 47 11.59 -6.20 5.29
C TYR A 47 11.67 -5.00 6.21
N GLN A 48 12.74 -4.90 6.97
CA GLN A 48 12.90 -3.76 7.85
C GLN A 48 13.29 -2.53 7.06
N ILE A 49 12.48 -1.49 7.12
CA ILE A 49 12.73 -0.26 6.39
C ILE A 49 13.47 0.75 7.25
N ALA A 50 13.07 0.85 8.52
CA ALA A 50 13.65 1.80 9.46
C ALA A 50 13.27 1.30 10.85
N ASP A 51 13.73 2.01 11.88
CA ASP A 51 13.32 1.65 13.23
CA ASP A 51 13.33 1.65 13.23
C ASP A 51 11.80 1.70 13.35
N GLY A 52 11.19 0.58 13.69
CA GLY A 52 9.76 0.50 13.85
C GLY A 52 8.94 0.59 12.59
N VAL A 53 9.55 0.36 11.41
CA VAL A 53 8.86 0.41 10.14
C VAL A 53 9.32 -0.79 9.33
N TRP A 54 8.37 -1.61 8.87
CA TRP A 54 8.62 -2.73 7.99
C TRP A 54 7.70 -2.61 6.79
N SER A 55 8.14 -3.14 5.66
CA SER A 55 7.18 -3.49 4.61
C SER A 55 6.87 -4.98 4.69
N HIS A 56 5.70 -5.33 4.18
CA HIS A 56 5.34 -6.71 3.96
C HIS A 56 5.19 -6.96 2.49
N ILE A 57 5.61 -8.14 2.04
CA ILE A 57 5.64 -8.51 0.63
C ILE A 57 4.99 -9.87 0.48
N ALA A 58 4.07 -9.97 -0.47
CA ALA A 58 3.39 -11.21 -0.76
C ALA A 58 3.18 -11.31 -2.26
N THR A 59 2.79 -12.49 -2.73
CA THR A 59 2.54 -12.63 -4.15
CA THR A 59 2.59 -12.71 -4.14
C THR A 59 1.17 -13.22 -4.39
N GLN A 60 0.61 -12.87 -5.53
CA GLN A 60 -0.72 -13.32 -5.87
C GLN A 60 -0.85 -13.48 -7.37
N SER A 61 -1.74 -14.37 -7.75
N SER A 61 -1.73 -14.37 -7.77
CA SER A 61 -2.11 -14.60 -9.14
CA SER A 61 -2.05 -14.53 -9.17
C SER A 61 -3.34 -13.76 -9.47
C SER A 61 -3.33 -13.83 -9.52
N PHE A 62 -3.35 -13.20 -10.68
CA PHE A 62 -4.48 -12.41 -11.15
C PHE A 62 -4.49 -12.52 -12.66
N ASP A 63 -5.61 -13.00 -13.22
CA ASP A 63 -5.75 -13.16 -14.67
C ASP A 63 -4.57 -13.93 -15.26
N GLY A 64 -4.11 -14.92 -14.51
CA GLY A 64 -3.11 -15.85 -15.04
C GLY A 64 -1.69 -15.34 -15.02
N ALA A 65 -1.40 -14.28 -14.27
CA ALA A 65 -0.04 -13.84 -14.10
C ALA A 65 0.19 -13.63 -12.61
N VAL A 66 1.45 -13.72 -12.20
CA VAL A 66 1.84 -13.59 -10.79
C VAL A 66 2.49 -12.24 -10.55
N TYR A 67 2.10 -11.61 -9.45
CA TYR A 67 2.56 -10.30 -9.12
C TYR A 67 2.96 -10.23 -7.64
N PRO A 68 4.01 -9.47 -7.31
CA PRO A 68 4.25 -9.07 -5.92
C PRO A 68 3.40 -7.87 -5.54
N SER A 69 3.23 -7.67 -4.24
N SER A 69 3.28 -7.67 -4.23
CA SER A 69 2.66 -6.43 -3.75
CA SER A 69 2.59 -6.53 -3.66
C SER A 69 3.15 -6.18 -2.33
C SER A 69 3.21 -6.19 -2.31
N ASN A 70 3.25 -4.90 -2.01
CA ASN A 70 3.75 -4.40 -0.73
C ASN A 70 2.63 -3.87 0.16
N GLY A 71 2.87 -3.93 1.46
CA GLY A 71 2.17 -3.14 2.46
C GLY A 71 3.16 -2.63 3.49
N LEU A 72 2.65 -2.04 4.56
CA LEU A 72 3.49 -1.43 5.58
C LEU A 72 3.05 -1.89 6.95
N ILE A 73 4.01 -1.94 7.89
CA ILE A 73 3.75 -2.19 9.30
C ILE A 73 4.49 -1.10 10.05
N VAL A 74 3.81 -0.45 10.99
CA VAL A 74 4.44 0.63 11.77
C VAL A 74 4.20 0.39 13.24
N ARG A 75 5.29 0.40 14.03
N ARG A 75 5.27 0.36 14.02
CA ARG A 75 5.17 0.22 15.47
CA ARG A 75 5.12 0.19 15.46
C ARG A 75 4.47 1.40 16.12
C ARG A 75 4.42 1.38 16.07
N ASP A 76 3.48 1.09 16.96
CA ASP A 76 2.55 2.05 17.58
C ASP A 76 2.63 1.73 19.09
N GLY A 77 3.74 2.11 19.71
CA GLY A 77 4.01 1.74 21.09
C GLY A 77 4.26 0.26 21.29
N ASP A 78 3.38 -0.44 22.01
CA ASP A 78 3.44 -1.89 22.09
C ASP A 78 2.38 -2.56 21.20
N GLU A 79 1.87 -1.86 20.21
CA GLU A 79 0.96 -2.42 19.22
C GLU A 79 1.52 -2.08 17.85
N LEU A 80 0.87 -2.63 16.80
CA LEU A 80 1.26 -2.36 15.43
C LEU A 80 0.06 -1.83 14.64
N LEU A 81 0.36 -0.90 13.75
CA LEU A 81 -0.56 -0.43 12.72
C LEU A 81 -0.17 -1.09 11.41
N LEU A 82 -1.14 -1.70 10.76
CA LEU A 82 -0.93 -2.32 9.46
C LEU A 82 -1.48 -1.41 8.38
N ILE A 83 -0.72 -1.24 7.28
CA ILE A 83 -1.20 -0.57 6.09
C ILE A 83 -1.29 -1.61 4.99
N ASP A 84 -2.54 -1.86 4.54
CA ASP A 84 -2.88 -2.76 3.44
C ASP A 84 -2.77 -4.23 3.80
N THR A 85 -3.69 -5.01 3.25
CA THR A 85 -3.63 -6.46 3.36
C THR A 85 -2.52 -7.01 2.48
N ALA A 86 -2.34 -8.33 2.52
CA ALA A 86 -1.33 -9.01 1.72
C ALA A 86 -1.93 -9.62 0.46
N TRP A 87 -3.04 -9.08 -0.02
CA TRP A 87 -3.69 -9.47 -1.29
C TRP A 87 -4.24 -10.88 -1.21
N GLY A 88 -5.30 -11.03 -0.43
CA GLY A 88 -5.97 -12.29 -0.31
C GLY A 88 -6.11 -12.76 1.10
N ALA A 89 -7.14 -13.59 1.33
CA ALA A 89 -7.41 -14.10 2.67
C ALA A 89 -6.26 -14.96 3.19
N LYS A 90 -5.85 -15.96 2.41
N LYS A 90 -5.85 -15.96 2.41
CA LYS A 90 -4.78 -16.85 2.86
CA LYS A 90 -4.78 -16.82 2.92
C LYS A 90 -3.48 -16.09 3.04
C LYS A 90 -3.46 -16.07 3.05
N ASN A 91 -3.15 -15.19 2.11
CA ASN A 91 -1.93 -14.39 2.25
C ASN A 91 -1.99 -13.53 3.51
N THR A 92 -3.16 -12.98 3.83
CA THR A 92 -3.28 -12.11 5.00
C THR A 92 -3.20 -12.90 6.31
N ALA A 93 -3.75 -14.12 6.34
CA ALA A 93 -3.51 -15.00 7.48
C ALA A 93 -2.02 -15.27 7.64
N ALA A 94 -1.33 -15.54 6.53
CA ALA A 94 0.12 -15.77 6.58
C ALA A 94 0.87 -14.53 7.03
N LEU A 95 0.37 -13.34 6.66
CA LEU A 95 0.97 -12.10 7.12
C LEU A 95 0.90 -11.99 8.64
N LEU A 96 -0.28 -12.25 9.20
CA LEU A 96 -0.40 -12.17 10.65
C LEU A 96 0.55 -13.15 11.34
N ALA A 97 0.69 -14.36 10.78
CA ALA A 97 1.59 -15.33 11.38
C ALA A 97 3.04 -14.88 11.27
N GLU A 98 3.41 -14.28 10.14
CA GLU A 98 4.77 -13.78 9.97
C GLU A 98 5.07 -12.64 10.92
N ILE A 99 4.09 -11.76 11.15
CA ILE A 99 4.27 -10.66 12.11
C ILE A 99 4.48 -11.23 13.50
N GLU A 100 3.71 -12.26 13.87
CA GLU A 100 3.88 -12.84 15.21
C GLU A 100 5.26 -13.45 15.36
N LYS A 101 5.74 -14.11 14.31
CA LYS A 101 7.06 -14.73 14.36
C LYS A 101 8.17 -13.70 14.44
N GLN A 102 8.10 -12.64 13.63
CA GLN A 102 9.21 -11.73 13.44
C GLN A 102 9.19 -10.54 14.37
N ILE A 103 8.02 -10.11 14.83
CA ILE A 103 7.84 -8.89 15.60
C ILE A 103 7.22 -9.18 16.96
N GLY A 104 6.14 -9.93 16.98
CA GLY A 104 5.58 -10.37 18.25
C GLY A 104 4.73 -9.38 18.98
N LEU A 105 4.27 -8.32 18.32
CA LEU A 105 3.37 -7.34 18.88
C LEU A 105 2.05 -7.44 18.15
N PRO A 106 0.93 -7.17 18.81
CA PRO A 106 -0.38 -7.36 18.16
C PRO A 106 -0.70 -6.28 17.17
N VAL A 107 -1.25 -6.69 16.03
CA VAL A 107 -1.81 -5.75 15.07
C VAL A 107 -3.18 -5.35 15.58
N THR A 108 -3.35 -4.07 15.88
CA THR A 108 -4.63 -3.61 16.43
C THR A 108 -5.49 -2.85 15.43
N ARG A 109 -4.88 -2.22 14.43
CA ARG A 109 -5.61 -1.42 13.47
C ARG A 109 -4.98 -1.66 12.11
N ALA A 110 -5.79 -1.51 11.08
CA ALA A 110 -5.33 -1.58 9.71
C ALA A 110 -6.01 -0.49 8.89
N VAL A 111 -5.28 0.10 7.96
CA VAL A 111 -5.81 1.06 7.00
C VAL A 111 -5.57 0.47 5.61
N SER A 112 -6.59 0.53 4.76
CA SER A 112 -6.47 0.14 3.35
C SER A 112 -6.43 1.41 2.52
N THR A 113 -5.47 1.49 1.62
CA THR A 113 -5.17 2.74 0.93
C THR A 113 -5.90 2.91 -0.40
N HIS A 114 -6.58 1.88 -0.89
CA HIS A 114 -7.61 2.02 -1.93
C HIS A 114 -8.40 0.72 -1.97
N PHE A 115 -9.32 0.62 -2.92
CA PHE A 115 -10.36 -0.39 -2.88
C PHE A 115 -10.02 -1.71 -3.55
N HIS A 116 -8.87 -1.82 -4.22
CA HIS A 116 -8.55 -3.04 -4.94
C HIS A 116 -8.16 -4.16 -3.98
N ASP A 117 -8.18 -5.39 -4.49
CA ASP A 117 -7.99 -6.58 -3.66
C ASP A 117 -6.60 -6.69 -3.07
N ASP A 118 -5.59 -6.03 -3.65
CA ASP A 118 -4.26 -5.98 -3.06
C ASP A 118 -4.21 -5.06 -1.83
N ARG A 119 -5.29 -4.40 -1.50
CA ARG A 119 -5.37 -3.48 -0.37
C ARG A 119 -6.43 -3.88 0.63
N VAL A 120 -7.57 -4.44 0.18
CA VAL A 120 -8.66 -4.86 1.06
C VAL A 120 -8.87 -6.35 1.07
N GLY A 121 -8.29 -7.11 0.15
CA GLY A 121 -8.53 -8.54 0.16
C GLY A 121 -7.79 -9.17 1.32
N GLY A 122 -8.54 -9.67 2.30
CA GLY A 122 -7.99 -10.07 3.57
C GLY A 122 -8.52 -9.26 4.74
N VAL A 123 -9.33 -8.24 4.48
CA VAL A 123 -9.95 -7.46 5.55
C VAL A 123 -10.86 -8.34 6.41
N ASP A 124 -11.55 -9.34 5.82
CA ASP A 124 -12.38 -10.21 6.63
C ASP A 124 -11.54 -11.05 7.58
N VAL A 125 -10.37 -11.52 7.12
CA VAL A 125 -9.43 -12.22 7.98
C VAL A 125 -8.97 -11.31 9.12
N LEU A 126 -8.61 -10.07 8.79
CA LEU A 126 -8.16 -9.14 9.83
C LEU A 126 -9.26 -8.92 10.87
N ARG A 127 -10.47 -8.69 10.40
N ARG A 127 -10.47 -8.70 10.39
CA ARG A 127 -11.55 -8.40 11.32
CA ARG A 127 -11.61 -8.41 11.25
C ARG A 127 -11.82 -9.59 12.24
C ARG A 127 -11.96 -9.58 12.17
N ALA A 128 -11.77 -10.82 11.71
CA ALA A 128 -11.95 -11.99 12.55
C ALA A 128 -10.77 -12.26 13.47
N ALA A 129 -9.64 -11.61 13.27
CA ALA A 129 -8.50 -11.70 14.16
C ALA A 129 -8.45 -10.54 15.13
N GLY A 130 -9.53 -9.75 15.21
CA GLY A 130 -9.65 -8.67 16.18
C GLY A 130 -9.07 -7.35 15.74
N VAL A 131 -8.62 -7.22 14.50
CA VAL A 131 -8.02 -5.99 13.98
C VAL A 131 -9.16 -5.06 13.56
N ALA A 132 -9.10 -3.81 13.99
CA ALA A 132 -10.06 -2.81 13.55
C ALA A 132 -9.59 -2.27 12.20
N THR A 133 -10.46 -2.33 11.19
CA THR A 133 -10.12 -2.03 9.81
C THR A 133 -10.74 -0.70 9.40
N TYR A 134 -9.96 0.11 8.71
CA TYR A 134 -10.32 1.47 8.35
C TYR A 134 -10.01 1.73 6.88
N ALA A 135 -10.81 2.63 6.28
CA ALA A 135 -10.51 3.18 4.95
C ALA A 135 -11.35 4.43 4.78
N SER A 136 -11.01 5.22 3.77
CA SER A 136 -11.84 6.41 3.52
C SER A 136 -13.25 5.98 3.10
N PRO A 137 -14.23 6.87 3.23
CA PRO A 137 -15.57 6.55 2.73
C PRO A 137 -15.55 6.25 1.25
N SER A 138 -14.68 6.93 0.50
N SER A 138 -14.72 6.96 0.48
CA SER A 138 -14.60 6.68 -0.93
CA SER A 138 -14.64 6.66 -0.95
C SER A 138 -14.15 5.26 -1.21
C SER A 138 -14.20 5.21 -1.16
N THR A 139 -13.13 4.80 -0.50
CA THR A 139 -12.66 3.41 -0.65
C THR A 139 -13.75 2.44 -0.24
N ARG A 140 -14.44 2.71 0.87
CA ARG A 140 -15.48 1.78 1.31
C ARG A 140 -16.58 1.65 0.26
N ARG A 141 -17.01 2.78 -0.32
CA ARG A 141 -18.07 2.73 -1.33
C ARG A 141 -17.61 1.96 -2.56
N LEU A 142 -16.37 2.22 -3.01
CA LEU A 142 -15.88 1.54 -4.20
C LEU A 142 -15.70 0.04 -3.97
N ALA A 143 -15.18 -0.32 -2.80
CA ALA A 143 -15.04 -1.73 -2.47
C ALA A 143 -16.40 -2.41 -2.46
N GLU A 144 -17.39 -1.78 -1.82
CA GLU A 144 -18.73 -2.37 -1.78
C GLU A 144 -19.31 -2.54 -3.19
N ALA A 145 -19.16 -1.55 -4.05
CA ALA A 145 -19.73 -1.61 -5.38
C ALA A 145 -19.05 -2.68 -6.23
N GLU A 146 -17.75 -2.91 -6.00
CA GLU A 146 -16.96 -3.88 -6.75
CA GLU A 146 -16.97 -3.88 -6.76
C GLU A 146 -17.11 -5.30 -6.25
N GLY A 147 -17.69 -5.48 -5.07
CA GLY A 147 -17.71 -6.81 -4.48
C GLY A 147 -16.42 -7.20 -3.77
N ASN A 148 -15.63 -6.23 -3.34
CA ASN A 148 -14.43 -6.50 -2.56
C ASN A 148 -14.75 -6.38 -1.09
N GLU A 149 -13.85 -6.89 -0.24
CA GLU A 149 -14.04 -6.80 1.20
C GLU A 149 -14.02 -5.36 1.66
N ILE A 150 -14.79 -5.08 2.70
CA ILE A 150 -15.10 -3.69 3.08
C ILE A 150 -14.56 -3.40 4.48
N PRO A 151 -13.60 -2.51 4.63
CA PRO A 151 -13.16 -2.09 5.96
C PRO A 151 -14.33 -1.57 6.78
N THR A 152 -14.24 -1.74 8.10
CA THR A 152 -15.36 -1.43 8.98
C THR A 152 -15.56 0.07 9.18
N HIS A 153 -14.47 0.82 9.37
CA HIS A 153 -14.53 2.19 9.87
C HIS A 153 -14.14 3.19 8.80
N SER A 154 -14.85 4.30 8.73
CA SER A 154 -14.61 5.34 7.75
C SER A 154 -13.63 6.37 8.28
N LEU A 155 -12.67 6.74 7.43
CA LEU A 155 -11.70 7.79 7.72
C LEU A 155 -12.15 9.10 7.09
N GLU A 156 -12.71 9.99 7.90
CA GLU A 156 -13.13 11.30 7.45
C GLU A 156 -11.92 12.24 7.35
N GLY A 157 -12.15 13.40 6.78
CA GLY A 157 -11.09 14.38 6.69
C GLY A 157 -10.13 14.22 5.56
N LEU A 158 -10.43 13.36 4.57
CA LEU A 158 -9.51 13.02 3.50
C LEU A 158 -10.16 13.19 2.13
N SER A 159 -11.30 13.89 2.05
CA SER A 159 -12.05 13.88 0.80
C SER A 159 -11.58 14.89 -0.23
N SER A 160 -10.76 15.88 0.13
N SER A 160 -10.73 15.85 0.16
CA SER A 160 -10.25 16.86 -0.82
CA SER A 160 -10.25 16.92 -0.70
C SER A 160 -8.76 16.67 -1.03
C SER A 160 -8.76 16.73 -0.96
N SER A 161 -8.29 16.79 -2.26
N SER A 161 -8.33 16.90 -2.21
CA SER A 161 -6.87 16.61 -2.53
CA SER A 161 -6.91 16.77 -2.54
C SER A 161 -6.05 17.60 -1.71
C SER A 161 -6.09 17.65 -1.61
N GLY A 162 -4.97 17.10 -1.11
CA GLY A 162 -4.16 17.84 -0.18
C GLY A 162 -4.50 17.62 1.28
N ASP A 163 -5.62 16.95 1.57
CA ASP A 163 -6.03 16.68 2.93
C ASP A 163 -5.07 15.70 3.60
N ALA A 164 -4.88 15.90 4.89
CA ALA A 164 -4.06 15.03 5.70
C ALA A 164 -4.69 14.85 7.08
N VAL A 165 -4.56 13.68 7.65
CA VAL A 165 -5.00 13.39 9.00
C VAL A 165 -3.97 12.50 9.68
N ARG A 166 -3.89 12.58 10.99
CA ARG A 166 -3.03 11.69 11.76
C ARG A 166 -3.79 10.43 12.12
N PHE A 167 -3.05 9.30 12.12
CA PHE A 167 -3.61 8.00 12.46
C PHE A 167 -2.50 7.23 13.17
N GLY A 168 -2.51 7.20 14.50
CA GLY A 168 -1.42 6.60 15.21
C GLY A 168 -0.10 7.24 14.82
N PRO A 169 0.90 6.40 14.53
CA PRO A 169 2.23 6.90 14.19
C PRO A 169 2.41 7.35 12.75
N VAL A 170 1.34 7.48 11.97
CA VAL A 170 1.48 7.92 10.58
C VAL A 170 0.59 9.13 10.32
N GLU A 171 0.86 9.76 9.19
CA GLU A 171 -0.04 10.70 8.57
C GLU A 171 -0.59 10.06 7.30
N LEU A 172 -1.88 10.18 7.11
CA LEU A 172 -2.57 9.75 5.89
C LEU A 172 -2.79 11.00 5.06
N PHE A 173 -2.56 10.89 3.75
CA PHE A 173 -2.62 12.01 2.84
C PHE A 173 -3.36 11.59 1.58
N TYR A 174 -4.34 12.39 1.17
CA TYR A 174 -5.03 12.15 -0.08
C TYR A 174 -4.45 13.08 -1.14
N PRO A 175 -3.71 12.56 -2.12
CA PRO A 175 -3.03 13.44 -3.09
C PRO A 175 -3.89 13.88 -4.23
N GLY A 176 -5.08 13.31 -4.40
CA GLY A 176 -5.87 13.42 -5.60
C GLY A 176 -5.86 12.11 -6.37
N ALA A 177 -6.69 12.07 -7.41
CA ALA A 177 -6.82 10.86 -8.21
C ALA A 177 -5.51 10.54 -8.93
N ALA A 178 -5.18 9.25 -8.98
CA ALA A 178 -3.93 8.81 -9.60
C ALA A 178 -4.16 7.39 -10.13
N HIS A 179 -3.57 6.40 -9.44
CA HIS A 179 -3.85 5.00 -9.76
C HIS A 179 -5.35 4.69 -9.61
N SER A 180 -6.01 5.30 -8.63
CA SER A 180 -7.46 5.22 -8.45
C SER A 180 -7.91 6.57 -7.90
N THR A 181 -9.23 6.78 -7.87
N THR A 181 -9.22 6.77 -7.88
CA THR A 181 -9.72 8.07 -7.40
CA THR A 181 -9.76 8.04 -7.40
C THR A 181 -9.59 8.19 -5.89
C THR A 181 -9.64 8.18 -5.89
N ASP A 182 -9.48 7.07 -5.19
CA ASP A 182 -9.49 7.02 -3.72
C ASP A 182 -8.11 6.80 -3.10
N ASN A 183 -7.05 6.70 -3.88
CA ASN A 183 -5.77 6.28 -3.34
C ASN A 183 -5.24 7.24 -2.29
N LEU A 184 -4.81 6.67 -1.17
CA LEU A 184 -4.15 7.39 -0.10
C LEU A 184 -2.67 7.05 -0.06
N VAL A 185 -1.91 8.00 0.51
N VAL A 185 -1.87 7.99 0.44
CA VAL A 185 -0.47 7.90 0.74
CA VAL A 185 -0.48 7.71 0.72
C VAL A 185 -0.26 7.98 2.24
C VAL A 185 -0.28 7.89 2.22
N VAL A 186 0.80 7.31 2.72
CA VAL A 186 1.07 7.24 4.15
C VAL A 186 2.48 7.71 4.41
N TYR A 187 2.65 8.60 5.37
CA TYR A 187 3.96 9.07 5.77
C TYR A 187 4.22 8.70 7.22
N VAL A 188 5.43 8.25 7.50
CA VAL A 188 5.86 7.90 8.85
C VAL A 188 6.83 8.99 9.27
N PRO A 189 6.40 10.00 10.04
CA PRO A 189 7.29 11.14 10.28
C PRO A 189 8.51 10.80 11.10
N SER A 190 8.45 9.80 11.97
CA SER A 190 9.61 9.46 12.79
C SER A 190 10.79 8.98 11.95
N ALA A 191 10.51 8.48 10.76
CA ALA A 191 11.52 7.85 9.94
C ALA A 191 11.62 8.45 8.55
N ASN A 192 10.80 9.42 8.23
CA ASN A 192 10.75 10.02 6.91
C ASN A 192 10.53 8.97 5.84
N VAL A 193 9.61 8.05 6.14
CA VAL A 193 9.24 6.99 5.20
C VAL A 193 7.94 7.40 4.52
N LEU A 194 7.96 7.43 3.19
CA LEU A 194 6.77 7.68 2.37
C LEU A 194 6.33 6.39 1.73
N TYR A 195 5.17 5.91 2.11
CA TYR A 195 4.54 4.77 1.47
C TYR A 195 3.57 5.29 0.44
N GLY A 196 3.91 5.14 -0.83
CA GLY A 196 3.07 5.71 -1.87
C GLY A 196 1.91 4.85 -2.27
N GLY A 197 1.93 3.58 -1.90
CA GLY A 197 0.91 2.69 -2.42
C GLY A 197 0.94 2.65 -3.93
N CYS A 198 -0.19 2.32 -4.52
CA CYS A 198 -0.20 2.04 -5.95
C CYS A 198 -0.16 3.30 -6.81
N ALA A 199 -0.25 4.49 -6.20
CA ALA A 199 0.02 5.73 -6.91
C ALA A 199 1.48 5.95 -7.22
N VAL A 200 2.37 5.12 -6.67
CA VAL A 200 3.81 5.24 -6.89
C VAL A 200 4.33 3.91 -7.41
N HIS A 201 5.11 3.97 -8.49
CA HIS A 201 5.72 2.80 -9.10
C HIS A 201 7.20 2.74 -8.84
N GLU A 202 7.71 1.52 -8.91
CA GLU A 202 9.14 1.29 -8.69
C GLU A 202 9.95 1.79 -9.89
N LEU A 203 11.23 2.01 -9.65
CA LEU A 203 12.09 2.59 -10.67
C LEU A 203 12.23 1.72 -11.91
N SER A 204 12.18 0.39 -11.75
CA SER A 204 12.35 -0.47 -12.92
C SER A 204 11.11 -0.56 -13.80
N SER A 205 10.00 0.03 -13.38
CA SER A 205 8.77 -0.08 -14.13
C SER A 205 8.88 0.63 -15.48
N THR A 206 8.26 0.02 -16.49
N THR A 206 8.29 0.00 -16.51
CA THR A 206 8.20 0.55 -17.83
CA THR A 206 8.20 0.56 -17.85
C THR A 206 6.78 0.93 -18.25
C THR A 206 6.78 0.88 -18.27
N SER A 207 5.81 0.67 -17.39
CA SER A 207 4.42 0.82 -17.71
C SER A 207 3.80 1.31 -16.41
N ALA A 208 2.61 1.86 -16.48
CA ALA A 208 1.96 2.37 -15.28
C ALA A 208 1.08 1.33 -14.60
N GLY A 209 1.38 0.04 -14.74
CA GLY A 209 0.61 -0.97 -13.99
C GLY A 209 -0.81 -1.16 -14.50
N ASN A 210 -1.69 -1.54 -13.57
CA ASN A 210 -3.11 -1.68 -13.90
C ASN A 210 -3.80 -0.33 -13.77
N VAL A 211 -4.14 0.25 -14.90
CA VAL A 211 -4.64 1.62 -14.98
C VAL A 211 -6.13 1.67 -15.21
N ALA A 212 -6.83 0.54 -15.05
CA ALA A 212 -8.25 0.50 -15.41
C ALA A 212 -9.05 1.51 -14.62
N ASP A 213 -8.66 1.79 -13.38
CA ASP A 213 -9.40 2.70 -12.51
C ASP A 213 -8.67 4.01 -12.30
N ALA A 214 -7.65 4.29 -13.10
CA ALA A 214 -6.77 5.42 -12.91
C ALA A 214 -7.32 6.68 -13.59
N ASP A 215 -6.73 7.82 -13.21
CA ASP A 215 -6.92 9.09 -13.89
C ASP A 215 -5.53 9.50 -14.37
N LEU A 216 -5.20 9.13 -15.60
CA LEU A 216 -3.84 9.38 -16.10
C LEU A 216 -3.55 10.87 -16.27
N ALA A 217 -4.58 11.67 -16.58
CA ALA A 217 -4.36 13.10 -16.73
C ALA A 217 -4.09 13.78 -15.39
N GLU A 218 -4.76 13.32 -14.32
CA GLU A 218 -4.58 13.94 -13.01
C GLU A 218 -3.38 13.36 -12.24
N TRP A 219 -2.99 12.13 -12.55
CA TRP A 219 -1.92 11.46 -11.81
C TRP A 219 -0.66 12.31 -11.64
N PRO A 220 -0.07 12.90 -12.68
CA PRO A 220 1.13 13.72 -12.42
C PRO A 220 0.89 14.86 -11.46
N THR A 221 -0.29 15.51 -11.51
CA THR A 221 -0.60 16.57 -10.56
C THR A 221 -0.67 16.02 -9.14
N SER A 222 -1.28 14.86 -8.98
CA SER A 222 -1.31 14.22 -7.66
C SER A 222 0.08 13.86 -7.17
N VAL A 223 0.95 13.37 -8.06
CA VAL A 223 2.33 13.09 -7.67
C VAL A 223 3.04 14.37 -7.28
N GLU A 224 2.82 15.45 -8.03
N GLU A 224 2.82 15.46 -8.03
CA GLU A 224 3.42 16.73 -7.67
CA GLU A 224 3.41 16.75 -7.68
C GLU A 224 2.99 17.16 -6.27
C GLU A 224 2.97 17.19 -6.29
N ARG A 225 1.73 16.89 -5.91
CA ARG A 225 1.27 17.25 -4.57
C ARG A 225 2.03 16.45 -3.51
N ILE A 226 2.27 15.15 -3.78
CA ILE A 226 3.05 14.35 -2.86
C ILE A 226 4.44 14.92 -2.70
N GLN A 227 5.10 15.24 -3.83
CA GLN A 227 6.45 15.80 -3.80
C GLN A 227 6.49 17.08 -2.98
N LYS A 228 5.48 17.94 -3.13
CA LYS A 228 5.47 19.19 -2.42
C LYS A 228 5.23 19.00 -0.93
N HIS A 229 4.43 18.01 -0.57
N HIS A 229 4.43 18.02 -0.56
CA HIS A 229 4.06 17.81 0.81
CA HIS A 229 4.07 17.85 0.84
C HIS A 229 5.13 17.07 1.62
C HIS A 229 5.08 17.04 1.63
N TYR A 230 5.88 16.18 0.98
CA TYR A 230 6.86 15.33 1.67
C TYR A 230 8.25 15.45 1.06
N PRO A 231 8.82 16.66 1.04
CA PRO A 231 10.12 16.87 0.41
C PRO A 231 11.26 16.26 1.16
N GLU A 232 11.06 15.87 2.40
CA GLU A 232 12.12 15.28 3.21
C GLU A 232 12.03 13.77 3.28
N ALA A 233 11.17 13.14 2.46
CA ALA A 233 11.10 11.69 2.47
C ALA A 233 12.47 11.11 2.12
N GLU A 234 12.87 10.10 2.86
CA GLU A 234 14.14 9.42 2.64
C GLU A 234 13.99 8.05 1.98
N VAL A 235 12.92 7.35 2.25
CA VAL A 235 12.58 6.08 1.63
C VAL A 235 11.19 6.26 1.04
N VAL A 236 11.01 5.83 -0.19
CA VAL A 236 9.72 5.83 -0.88
C VAL A 236 9.40 4.39 -1.26
N ILE A 237 8.24 3.90 -0.82
CA ILE A 237 7.83 2.52 -1.03
C ILE A 237 6.68 2.51 -2.03
N PRO A 238 6.82 1.81 -3.16
CA PRO A 238 5.71 1.71 -4.12
C PRO A 238 4.73 0.63 -3.71
N GLY A 239 3.55 0.63 -4.35
CA GLY A 239 2.58 -0.41 -4.07
C GLY A 239 3.02 -1.79 -4.47
N HIS A 240 3.87 -1.87 -5.48
CA HIS A 240 4.42 -3.09 -6.02
C HIS A 240 5.89 -2.82 -6.34
N GLY A 241 6.80 -3.69 -5.91
CA GLY A 241 8.20 -3.61 -6.32
C GLY A 241 9.09 -2.96 -5.28
N LEU A 242 10.26 -2.55 -5.72
N LEU A 242 10.28 -2.55 -5.72
CA LEU A 242 11.36 -2.21 -4.80
CA LEU A 242 11.34 -2.21 -4.77
C LEU A 242 11.27 -0.78 -4.27
C LEU A 242 11.24 -0.78 -4.26
N PRO A 243 11.48 -0.58 -2.96
CA PRO A 243 11.60 0.78 -2.45
C PRO A 243 12.83 1.47 -3.02
N GLY A 244 12.81 2.79 -2.98
CA GLY A 244 13.95 3.61 -3.33
C GLY A 244 13.84 4.94 -2.65
N GLY A 245 14.31 5.99 -3.32
CA GLY A 245 14.24 7.33 -2.79
C GLY A 245 13.18 8.16 -3.50
N LEU A 246 13.30 9.47 -3.36
CA LEU A 246 12.33 10.39 -3.95
C LEU A 246 12.22 10.25 -5.47
N ASP A 247 13.23 9.68 -6.15
CA ASP A 247 13.18 9.54 -7.59
C ASP A 247 11.98 8.72 -8.04
N LEU A 248 11.44 7.85 -7.18
CA LEU A 248 10.29 7.06 -7.59
C LEU A 248 9.13 7.96 -7.98
N LEU A 249 9.02 9.14 -7.35
CA LEU A 249 7.90 10.00 -7.65
C LEU A 249 8.00 10.56 -9.07
N GLN A 250 9.15 11.14 -9.43
CA GLN A 250 9.28 11.66 -10.78
C GLN A 250 9.20 10.53 -11.82
N HIS A 251 9.80 9.38 -11.51
CA HIS A 251 9.74 8.25 -12.43
C HIS A 251 8.29 7.86 -12.68
N THR A 252 7.49 7.80 -11.62
CA THR A 252 6.07 7.48 -11.77
C THR A 252 5.39 8.48 -12.70
N ALA A 253 5.60 9.77 -12.46
CA ALA A 253 4.98 10.76 -13.34
C ALA A 253 5.40 10.53 -14.78
N ASN A 254 6.69 10.22 -14.99
CA ASN A 254 7.19 9.99 -16.34
C ASN A 254 6.51 8.81 -17.02
N VAL A 255 6.40 7.68 -16.32
CA VAL A 255 5.82 6.49 -16.96
C VAL A 255 4.33 6.67 -17.20
N VAL A 256 3.64 7.40 -16.32
CA VAL A 256 2.23 7.64 -16.50
C VAL A 256 2.00 8.54 -17.70
N LYS A 257 2.79 9.63 -17.81
CA LYS A 257 2.62 10.55 -18.93
C LYS A 257 2.86 9.84 -20.26
N ALA A 258 3.84 8.92 -20.29
CA ALA A 258 4.12 8.21 -21.54
C ALA A 258 3.06 7.15 -21.83
N HIS A 259 2.50 6.54 -20.77
CA HIS A 259 1.39 5.61 -20.94
C HIS A 259 0.20 6.32 -21.57
N LYS A 260 -0.22 7.42 -20.95
CA LYS A 260 -1.28 8.26 -21.50
C LYS A 260 -1.05 8.56 -22.98
N ASN A 261 0.18 8.91 -23.34
N ASN A 261 0.18 8.95 -23.34
CA ASN A 261 0.50 9.26 -24.72
CA ASN A 261 0.48 9.31 -24.72
C ASN A 261 0.90 8.05 -25.56
C ASN A 261 1.05 8.14 -25.52
ZN ZN B . -4.96 -0.75 -7.25
ZN ZN C . -1.79 -2.12 -6.80
C01 XZL D . -5.06 -5.62 -7.51
C01 XZL D . -6.08 -6.44 -8.24
C02 XZL D . -5.40 -5.15 -8.95
C02 XZL D . -5.19 -5.31 -8.78
C04 XZL D . -7.48 -4.92 -10.10
C04 XZL D . -6.96 -4.14 -10.11
C05 XZL D . -7.21 -3.64 -10.55
C05 XZL D . -7.18 -2.94 -10.75
C06 XZL D . -8.09 -3.03 -11.44
C06 XZL D . -8.20 -2.81 -11.68
C07 XZL D . -9.22 -3.70 -11.87
C07 XZL D . -8.99 -3.91 -11.98
C08 XZL D . -10.16 -3.01 -12.85
C08 XZL D . -10.13 -3.81 -13.01
C10 XZL D . -9.49 -4.98 -11.43
C10 XZL D . -8.79 -5.11 -11.35
C11 XZL D . -8.61 -5.59 -10.54
C11 XZL D . -7.77 -5.23 -10.41
C12 XZL D . -4.26 -5.64 -9.85
C12 XZL D . -4.13 -5.75 -9.84
C13 XZL D . -3.15 -4.79 -10.09
C13 XZL D . -3.04 -4.90 -10.00
C15 XZL D . -1.76 -3.10 -10.11
C15 XZL D . -1.62 -3.24 -9.90
C16 XZL D . -1.27 -1.72 -9.85
C16 XZL D . -1.03 -1.91 -9.48
C19 XZL D . -1.17 -4.09 -10.89
C19 XZL D . -1.10 -4.14 -10.82
C20 XZL D . 0.18 -4.05 -11.58
C20 XZL D . 0.23 -4.03 -11.54
C21 XZL D . 1.28 -3.64 -10.83
C21 XZL D . 1.28 -3.50 -10.80
C22 XZL D . 2.56 -3.60 -11.36
C22 XZL D . 2.56 -3.39 -11.33
C24 XZL D . 2.75 -4.00 -12.68
C24 XZL D . 2.80 -3.84 -12.61
C25 XZL D . 4.14 -3.99 -13.31
C25 XZL D . 4.17 -3.76 -13.27
C27 XZL D . 4.23 -1.08 -13.00
C27 XZL D . 4.42 -0.91 -13.00
C30 XZL D . 1.65 -4.43 -13.41
C30 XZL D . 1.74 -4.41 -13.32
C31 XZL D . 0.38 -4.46 -12.87
C31 XZL D . 0.47 -4.52 -12.80
C32 XZL D . -2.06 -5.18 -10.86
C32 XZL D . -2.01 -5.21 -10.88
C33 XZL D . -2.05 -6.48 -11.42
C33 XZL D . -2.04 -6.42 -11.60
C34 XZL D . -3.13 -7.32 -11.20
C34 XZL D . -3.12 -7.27 -11.44
C35 XZL D . -4.23 -6.92 -10.40
C35 XZL D . -4.17 -6.95 -10.55
F23 XZL D . 3.59 -3.18 -10.57
F23 XZL D . 3.51 -2.81 -10.53
N09 XZL D . -11.53 -3.45 -12.68
N09 XZL D . -11.38 -4.27 -12.42
N14 XZL D . -2.91 -3.53 -9.65
N14 XZL D . -2.76 -3.71 -9.43
O03 XZL D . -6.67 -5.65 -9.21
O03 XZL D . -5.93 -4.18 -9.16
O17 XZL D . -0.79 -1.10 -10.86
O17 XZL D . -0.51 -1.15 -10.36
O18 XZL D . -1.45 -1.16 -8.73
O18 XZL D . -1.13 -1.58 -8.28
O28 XZL D . 3.71 -2.30 -15.38
O28 XZL D . 3.20 -2.06 -15.12
O29 XZL D . 5.91 -2.34 -14.61
O29 XZL D . 5.52 -2.22 -15.11
S26 XZL D . 4.51 -2.43 -14.17
S26 XZL D . 4.36 -2.23 -14.23
H013 XZL D . -4.82 -4.75 -6.89
H013 XZL D . -6.19 -7.21 -9.00
H011 XZL D . -4.21 -6.29 -7.54
H011 XZL D . -7.04 -6.05 -7.96
H012 XZL D . -5.92 -6.14 -7.08
H012 XZL D . -5.60 -6.87 -7.36
H021 XZL D . -5.52 -4.08 -9.14
H021 XZL D . -4.62 -4.92 -7.95
H051 XZL D . -6.34 -3.11 -10.20
H051 XZL D . -6.55 -2.09 -10.52
H061 XZL D . -7.88 -2.03 -11.80
H061 XZL D . -8.37 -1.86 -12.17
H082 XZL D . -9.85 -3.24 -13.87
H082 XZL D . -9.90 -4.41 -13.87
H081 XZL D . -10.13 -1.94 -12.70
H081 XZL D . -10.25 -2.77 -13.32
H101 XZL D . -10.38 -5.49 -11.77
H101 XZL D . -9.41 -5.96 -11.58
H111 XZL D . -8.82 -6.59 -10.19
H111 XZL D . -7.61 -6.17 -9.91
H211 XZL D . 1.12 -3.34 -9.79
H211 XZL D . 1.10 -3.16 -9.78
H252 XZL D . 4.88 -4.15 -12.54
H252 XZL D . 4.94 -3.78 -12.49
H251 XZL D . 4.19 -4.80 -14.04
H251 XZL D . 4.31 -4.61 -13.92
H272 XZL D . 4.46 -0.13 -13.47
H272 XZL D . 4.53 0.04 -13.50
H271 XZL D . 4.84 -1.22 -12.12
H271 XZL D . 5.27 -1.08 -12.33
H273 XZL D . 3.17 -1.08 -12.71
H273 XZL D . 3.51 -0.93 -12.42
H301 XZL D . 1.80 -4.74 -14.43
H301 XZL D . 1.92 -4.76 -14.33
H311 XZL D . -0.46 -4.82 -13.46
H311 XZL D . -0.33 -4.98 -13.36
H331 XZL D . -1.20 -6.81 -12.02
H331 XZL D . -1.24 -6.68 -12.27
H341 XZL D . -3.14 -8.30 -11.64
H341 XZL D . -3.17 -8.19 -11.99
H351 XZL D . -5.05 -7.60 -10.23
H351 XZL D . -5.00 -7.63 -10.43
H092 XZL D . -11.85 -3.90 -13.52
H092 XZL D . -11.25 -4.44 -11.43
H091 XZL D . -12.12 -2.66 -12.47
H091 XZL D . -11.69 -5.10 -12.88
H141 XZL D . -3.53 -3.01 -9.07
H141 XZL D . -3.33 -3.25 -8.76
#